data_6SZJ
#
_entry.id   6SZJ
#
_cell.length_a   132.182
_cell.length_b   132.182
_cell.length_c   107.088
_cell.angle_alpha   90.000
_cell.angle_beta   90.000
_cell.angle_gamma   120.000
#
_symmetry.space_group_name_H-M   'P 32 2 1'
#
loop_
_entity.id
_entity.type
_entity.pdbx_description
1 polymer 'Receptor-interacting serine/threonine-protein kinase 2'
2 non-polymer 5-amino-1-~{tert}-butyl-3-(3-methoxyphenyl)pyrazole-4-carboxamide
3 non-polymer 'CALCIUM ION'
4 water water
#
_entity_poly.entity_id   1
_entity_poly.type   'polypeptide(L)'
_entity_poly.pdbx_seq_one_letter_code
;GMNGEAICSALPTIPYHKLADLRYLSRGASGTVSSARHADWRVQVAVKHLHIHTPLLDSERKDVLREAEILHKARFSYIL
PILGICNEPEFLGIVTEYMPNGSLNELLHRKTEYPDVAWPLRFRILHEIALGVNYLHNMTPPLLHHDLKTQNILLDNEFH
VKIADFGLSKWRMMSLSQSRSSKSAPEGGTIIYMPPENYEPGQKSRASIKHDIYSYAVITWEVLSRKQPFEDVTNPLQIM
YSVSQGHRPVINEESLPYDIPHRARMISLIESGWAQNPDERPSFLKCLIELEPVLRTFEEITFLEAVIQLK
;
_entity_poly.pdbx_strand_id   A,B
#
loop_
_chem_comp.id
_chem_comp.type
_chem_comp.name
_chem_comp.formula
CA non-polymer 'CALCIUM ION' 'Ca 2'
M5W non-polymer 5-amino-1-~{tert}-butyl-3-(3-methoxyphenyl)pyrazole-4-carboxamide 'C15 H20 N4 O2'
#
# COMPACT_ATOMS: atom_id res chain seq x y z
N ALA A 6 -19.44 12.76 -10.09
CA ALA A 6 -18.01 12.35 -10.32
C ALA A 6 -17.10 12.87 -9.20
N ILE A 7 -16.75 11.96 -8.29
CA ILE A 7 -15.91 12.25 -7.12
C ILE A 7 -14.43 12.42 -7.53
N CYS A 8 -13.87 13.62 -7.29
CA CYS A 8 -12.47 13.94 -7.66
C CYS A 8 -11.48 14.19 -6.50
N SER A 9 -10.23 13.82 -6.74
CA SER A 9 -9.13 13.96 -5.79
C SER A 9 -7.97 14.66 -6.48
N ALA A 10 -7.44 15.69 -5.83
CA ALA A 10 -6.33 16.46 -6.36
C ALA A 10 -5.00 15.95 -5.84
N LEU A 11 -3.97 16.04 -6.68
CA LEU A 11 -2.63 15.64 -6.30
C LEU A 11 -2.00 16.78 -5.50
N PRO A 12 -1.61 16.52 -4.24
CA PRO A 12 -0.97 17.55 -3.40
C PRO A 12 0.28 18.14 -4.04
N THR A 13 0.49 19.45 -3.86
CA THR A 13 1.70 20.13 -4.33
C THR A 13 2.68 20.15 -3.16
N ILE A 14 3.89 19.65 -3.42
CA ILE A 14 4.93 19.57 -2.38
C ILE A 14 5.99 20.66 -2.57
N PRO A 15 6.17 21.52 -1.55
CA PRO A 15 7.22 22.53 -1.62
C PRO A 15 8.58 21.86 -1.50
N TYR A 16 9.51 22.18 -2.40
CA TYR A 16 10.86 21.59 -2.41
C TYR A 16 11.59 21.69 -1.06
N HIS A 17 11.30 22.74 -0.29
CA HIS A 17 11.93 22.94 1.03
C HIS A 17 11.48 21.92 2.09
N LYS A 18 10.40 21.19 1.79
CA LYS A 18 9.86 20.14 2.68
C LYS A 18 10.57 18.78 2.53
N LEU A 19 11.37 18.62 1.46
CA LEU A 19 12.11 17.38 1.22
C LEU A 19 13.54 17.51 1.71
N ALA A 20 13.85 16.79 2.78
CA ALA A 20 15.17 16.81 3.42
C ALA A 20 15.99 15.57 3.07
N ASP A 21 17.30 15.63 3.32
CA ASP A 21 18.25 14.52 3.11
C ASP A 21 18.27 13.93 1.70
N LEU A 22 18.04 14.80 0.71
CA LEU A 22 17.98 14.42 -0.71
C LEU A 22 19.26 13.71 -1.18
N ARG A 23 19.21 12.37 -1.18
CA ARG A 23 20.31 11.49 -1.62
C ARG A 23 20.06 10.85 -2.97
N TYR A 24 21.09 10.87 -3.82
CA TYR A 24 21.07 10.25 -5.16
C TYR A 24 20.90 8.72 -5.08
N LEU A 25 20.11 8.17 -6.01
CA LEU A 25 19.95 6.70 -6.14
C LEU A 25 20.33 6.19 -7.53
N SER A 26 19.70 6.73 -8.58
CA SER A 26 19.98 6.37 -9.98
C SER A 26 19.57 7.46 -10.97
N ARG A 27 20.25 7.49 -12.12
CA ARG A 27 19.91 8.40 -13.21
C ARG A 27 19.50 7.54 -14.41
N GLY A 28 18.27 7.74 -14.88
CA GLY A 28 17.72 7.04 -16.04
C GLY A 28 17.20 8.02 -17.09
N ALA A 29 16.71 7.48 -18.21
CA ALA A 29 16.18 8.29 -19.34
C ALA A 29 15.04 9.24 -18.95
N SER A 30 14.17 8.79 -18.03
CA SER A 30 13.04 9.57 -17.53
C SER A 30 13.46 10.70 -16.58
N GLY A 31 14.55 10.47 -15.85
CA GLY A 31 15.13 11.44 -14.91
C GLY A 31 16.03 10.83 -13.85
N THR A 32 16.33 11.62 -12.82
CA THR A 32 17.16 11.19 -11.67
C THR A 32 16.28 10.87 -10.47
N VAL A 33 16.48 9.69 -9.89
CA VAL A 33 15.72 9.26 -8.72
C VAL A 33 16.58 9.47 -7.47
N SER A 34 15.99 10.17 -6.51
CA SER A 34 16.63 10.48 -5.24
C SER A 34 15.71 10.05 -4.11
N SER A 35 16.31 9.62 -3.00
CA SER A 35 15.56 9.30 -1.78
C SER A 35 15.57 10.56 -0.93
N ALA A 36 14.53 10.73 -0.11
CA ALA A 36 14.40 11.89 0.78
C ALA A 36 13.48 11.55 1.93
N ARG A 37 13.16 12.55 2.75
CA ARG A 37 12.17 12.41 3.82
C ARG A 37 11.36 13.70 3.83
N HIS A 38 10.03 13.56 3.92
CA HIS A 38 9.14 14.71 3.94
C HIS A 38 9.19 15.28 5.36
N ALA A 39 9.41 16.60 5.44
CA ALA A 39 9.56 17.31 6.72
C ALA A 39 8.31 17.27 7.61
N ASP A 40 7.14 17.42 7.00
CA ASP A 40 5.87 17.40 7.71
C ASP A 40 5.28 16.00 7.94
N TRP A 41 5.24 15.16 6.89
CA TRP A 41 4.61 13.84 6.98
C TRP A 41 5.43 12.78 7.70
N ARG A 42 6.75 12.99 7.78
CA ARG A 42 7.70 12.12 8.50
C ARG A 42 7.87 10.73 7.91
N VAL A 43 7.83 10.65 6.59
CA VAL A 43 8.00 9.39 5.87
C VAL A 43 9.10 9.53 4.84
N GLN A 44 9.79 8.43 4.54
CA GLN A 44 10.76 8.41 3.45
C GLN A 44 10.00 8.46 2.12
N VAL A 45 10.55 9.18 1.16
CA VAL A 45 9.93 9.31 -0.16
C VAL A 45 10.97 9.09 -1.24
N ALA A 46 10.53 9.14 -2.49
CA ALA A 46 11.45 9.10 -3.63
C ALA A 46 11.05 10.25 -4.52
N VAL A 47 12.05 10.92 -5.09
CA VAL A 47 11.85 12.10 -5.94
C VAL A 47 12.44 11.83 -7.32
N LYS A 48 11.71 12.20 -8.38
CA LYS A 48 12.19 12.06 -9.76
C LYS A 48 12.26 13.43 -10.43
N HIS A 49 13.46 13.82 -10.83
CA HIS A 49 13.74 15.13 -11.46
C HIS A 49 14.75 15.01 -12.60
N LEU A 50 14.70 15.95 -13.55
CA LEU A 50 15.65 15.95 -14.67
C LEU A 50 17.03 16.50 -14.29
N THR A 54 19.52 22.05 -14.89
CA THR A 54 18.65 22.93 -14.11
C THR A 54 17.55 23.71 -14.90
N PRO A 55 17.85 24.22 -16.15
CA PRO A 55 16.74 24.91 -16.85
C PRO A 55 15.75 24.00 -17.62
N LEU A 56 16.20 22.79 -17.99
CA LEU A 56 15.43 21.78 -18.77
C LEU A 56 14.90 22.36 -20.11
N LEU A 57 13.61 22.18 -20.40
CA LEU A 57 12.99 22.72 -21.63
C LEU A 57 11.51 23.07 -21.43
N ASP A 58 10.91 23.73 -22.42
CA ASP A 58 9.48 24.09 -22.40
C ASP A 58 8.60 22.86 -22.64
N SER A 59 9.14 21.87 -23.37
CA SER A 59 8.47 20.61 -23.67
C SER A 59 8.78 19.52 -22.63
N GLU A 60 9.94 19.63 -21.97
CA GLU A 60 10.38 18.70 -20.93
C GLU A 60 9.48 18.77 -19.68
N ARG A 61 8.87 19.94 -19.47
CA ARG A 61 7.91 20.18 -18.40
C ARG A 61 6.62 19.40 -18.64
N LYS A 62 6.19 19.34 -19.91
CA LYS A 62 4.98 18.63 -20.33
C LYS A 62 5.07 17.11 -20.13
N ASP A 63 6.30 16.59 -20.02
CA ASP A 63 6.55 15.16 -19.78
C ASP A 63 6.34 14.80 -18.32
N VAL A 64 7.00 15.57 -17.43
CA VAL A 64 6.97 15.37 -15.99
C VAL A 64 5.53 15.48 -15.45
N LEU A 65 4.77 16.42 -16.01
CA LEU A 65 3.37 16.63 -15.62
C LEU A 65 2.47 15.50 -16.11
N ARG A 66 2.83 14.91 -17.25
CA ARG A 66 2.07 13.81 -17.86
C ARG A 66 2.26 12.52 -17.05
N GLU A 67 3.50 12.23 -16.62
CA GLU A 67 3.77 11.05 -15.80
C GLU A 67 3.02 11.13 -14.48
N ALA A 68 3.02 12.31 -13.86
CA ALA A 68 2.32 12.56 -12.60
C ALA A 68 0.82 12.32 -12.71
N GLU A 69 0.22 12.79 -13.81
CA GLU A 69 -1.21 12.59 -14.08
C GLU A 69 -1.54 11.09 -14.24
N ILE A 70 -0.66 10.39 -14.96
CA ILE A 70 -0.79 8.96 -15.21
C ILE A 70 -0.78 8.17 -13.89
N LEU A 71 0.26 8.38 -13.09
CA LEU A 71 0.39 7.73 -11.79
C LEU A 71 -0.79 8.02 -10.88
N HIS A 72 -1.24 9.28 -10.90
CA HIS A 72 -2.36 9.72 -10.08
C HIS A 72 -3.69 9.10 -10.50
N LYS A 73 -3.88 8.96 -11.82
CA LYS A 73 -5.11 8.36 -12.38
C LYS A 73 -5.11 6.83 -12.32
N ALA A 74 -3.92 6.23 -12.41
CA ALA A 74 -3.78 4.77 -12.43
C ALA A 74 -3.48 4.17 -11.04
N ARG A 75 -4.04 4.79 -10.00
CA ARG A 75 -3.88 4.33 -8.62
C ARG A 75 -4.46 2.95 -8.41
N PHE A 76 -3.62 2.05 -7.89
CA PHE A 76 -3.99 0.66 -7.63
C PHE A 76 -2.92 0.01 -6.76
N SER A 77 -3.24 -1.15 -6.22
CA SER A 77 -2.39 -1.89 -5.28
C SER A 77 -1.02 -2.29 -5.82
N TYR A 78 -0.89 -2.37 -7.15
CA TYR A 78 0.34 -2.83 -7.77
C TYR A 78 1.00 -1.80 -8.69
N ILE A 79 0.52 -0.56 -8.54
CA ILE A 79 1.05 0.60 -9.23
C ILE A 79 1.73 1.47 -8.19
N LEU A 80 2.95 1.96 -8.51
CA LEU A 80 3.69 2.87 -7.62
C LEU A 80 2.79 4.04 -7.20
N PRO A 81 2.57 4.18 -5.87
CA PRO A 81 1.70 5.26 -5.45
C PRO A 81 2.43 6.59 -5.46
N ILE A 82 1.83 7.57 -6.12
CA ILE A 82 2.36 8.93 -6.19
C ILE A 82 1.82 9.74 -5.00
N LEU A 83 2.73 10.41 -4.30
CA LEU A 83 2.38 11.17 -3.09
C LEU A 83 2.14 12.66 -3.34
N GLY A 84 2.80 13.18 -4.37
CA GLY A 84 2.66 14.58 -4.75
C GLY A 84 3.56 15.02 -5.87
N ILE A 85 3.49 16.31 -6.18
CA ILE A 85 4.29 16.93 -7.25
C ILE A 85 4.99 18.20 -6.74
N CYS A 86 6.29 18.32 -7.06
CA CYS A 86 7.07 19.54 -6.80
C CYS A 86 6.98 20.40 -8.04
N ASN A 87 6.10 21.41 -7.99
CA ASN A 87 5.90 22.30 -9.13
C ASN A 87 6.24 23.75 -8.79
N GLU A 88 7.54 24.04 -8.86
CA GLU A 88 8.08 25.36 -8.59
C GLU A 88 8.94 25.82 -9.77
N PRO A 89 9.10 27.15 -9.96
CA PRO A 89 9.99 27.64 -11.03
C PRO A 89 11.47 27.30 -10.77
N GLU A 90 11.78 26.95 -9.52
CA GLU A 90 13.11 26.62 -9.06
C GLU A 90 13.46 25.10 -9.14
N PHE A 91 12.43 24.24 -9.02
CA PHE A 91 12.59 22.77 -9.05
C PHE A 91 11.31 22.05 -9.52
N LEU A 92 11.48 21.08 -10.42
CA LEU A 92 10.36 20.27 -10.92
C LEU A 92 10.56 18.76 -10.73
N GLY A 93 9.54 18.11 -10.15
CA GLY A 93 9.60 16.67 -9.92
C GLY A 93 8.36 16.01 -9.34
N ILE A 94 8.37 14.68 -9.37
CA ILE A 94 7.28 13.87 -8.81
C ILE A 94 7.77 13.15 -7.55
N VAL A 95 6.89 13.05 -6.57
CA VAL A 95 7.20 12.40 -5.30
C VAL A 95 6.32 11.18 -5.16
N THR A 96 6.96 10.05 -4.88
CA THR A 96 6.28 8.78 -4.72
C THR A 96 6.76 8.10 -3.47
N GLU A 97 6.10 7.00 -3.13
CA GLU A 97 6.52 6.16 -2.02
C GLU A 97 7.91 5.66 -2.34
N TYR A 98 8.69 5.46 -1.29
CA TYR A 98 10.03 4.97 -1.42
C TYR A 98 9.99 3.45 -1.47
N MET A 99 10.61 2.87 -2.49
CA MET A 99 10.71 1.42 -2.67
C MET A 99 12.08 0.96 -2.16
N PRO A 100 12.14 0.34 -0.97
CA PRO A 100 13.44 0.00 -0.37
C PRO A 100 14.16 -1.19 -0.96
N ASN A 101 13.48 -2.00 -1.77
CA ASN A 101 14.09 -3.21 -2.29
C ASN A 101 14.45 -3.20 -3.77
N GLY A 102 14.51 -2.01 -4.33
CA GLY A 102 14.91 -1.79 -5.71
C GLY A 102 13.98 -2.34 -6.78
N SER A 103 14.59 -2.82 -7.86
CA SER A 103 13.88 -3.34 -9.01
C SER A 103 14.04 -4.84 -9.09
N LEU A 104 13.10 -5.48 -9.78
CA LEU A 104 13.12 -6.92 -9.99
C LEU A 104 14.44 -7.34 -10.65
N ASN A 105 14.95 -6.47 -11.52
CA ASN A 105 16.24 -6.65 -12.19
C ASN A 105 17.38 -6.95 -11.20
N GLU A 106 17.47 -6.13 -10.15
CA GLU A 106 18.50 -6.27 -9.11
C GLU A 106 18.35 -7.59 -8.36
N LEU A 107 17.13 -7.92 -7.96
CA LEU A 107 16.82 -9.16 -7.25
C LEU A 107 17.20 -10.42 -8.06
N LEU A 108 16.90 -10.40 -9.35
CA LEU A 108 17.16 -11.53 -10.21
C LEU A 108 18.64 -11.72 -10.52
N HIS A 109 19.34 -10.62 -10.74
CA HIS A 109 20.73 -10.70 -11.18
C HIS A 109 21.84 -10.51 -10.15
N ARG A 110 21.54 -9.96 -8.97
CA ARG A 110 22.51 -9.85 -7.90
C ARG A 110 22.54 -11.17 -7.11
N LYS A 111 23.12 -12.20 -7.74
CA LYS A 111 23.16 -13.57 -7.21
C LYS A 111 24.03 -13.83 -5.97
N THR A 112 25.05 -13.01 -5.73
CA THR A 112 25.85 -13.19 -4.50
C THR A 112 25.06 -12.63 -3.32
N GLU A 113 24.45 -11.46 -3.54
CA GLU A 113 23.57 -10.82 -2.56
C GLU A 113 22.30 -11.68 -2.29
N TYR A 114 21.73 -12.27 -3.35
CA TYR A 114 20.56 -13.13 -3.20
C TYR A 114 20.79 -14.51 -3.83
N PRO A 115 21.42 -15.43 -3.08
CA PRO A 115 21.65 -16.78 -3.64
C PRO A 115 20.36 -17.56 -3.82
N ASP A 116 19.37 -17.34 -2.94
CA ASP A 116 18.10 -18.06 -2.99
C ASP A 116 16.90 -17.15 -3.05
N VAL A 117 16.16 -17.23 -4.16
CA VAL A 117 14.90 -16.49 -4.30
C VAL A 117 13.87 -17.59 -4.51
N ALA A 118 13.27 -18.00 -3.38
CA ALA A 118 12.30 -19.09 -3.33
C ALA A 118 11.14 -18.98 -4.32
N TRP A 119 10.74 -20.13 -4.86
CA TRP A 119 9.66 -20.22 -5.84
C TRP A 119 8.40 -19.44 -5.50
N PRO A 120 7.81 -19.62 -4.28
CA PRO A 120 6.58 -18.85 -4.00
C PRO A 120 6.70 -17.33 -4.23
N LEU A 121 7.84 -16.73 -3.86
CA LEU A 121 8.01 -15.30 -4.06
C LEU A 121 8.10 -14.94 -5.55
N ARG A 122 8.81 -15.78 -6.33
CA ARG A 122 8.90 -15.56 -7.78
C ARG A 122 7.51 -15.58 -8.41
N PHE A 123 6.70 -16.56 -8.03
CA PHE A 123 5.35 -16.65 -8.57
C PHE A 123 4.46 -15.50 -8.13
N ARG A 124 4.60 -15.06 -6.87
CA ARG A 124 3.83 -13.92 -6.39
C ARG A 124 4.18 -12.64 -7.19
N ILE A 125 5.47 -12.45 -7.44
CA ILE A 125 5.97 -11.32 -8.23
C ILE A 125 5.34 -11.35 -9.63
N LEU A 126 5.38 -12.52 -10.29
CA LEU A 126 4.77 -12.71 -11.61
C LEU A 126 3.26 -12.45 -11.59
N HIS A 127 2.61 -12.90 -10.52
CA HIS A 127 1.18 -12.71 -10.35
C HIS A 127 0.85 -11.22 -10.21
N GLU A 128 1.63 -10.53 -9.38
CA GLU A 128 1.42 -9.09 -9.13
C GLU A 128 1.68 -8.20 -10.35
N ILE A 129 2.73 -8.53 -11.14
CA ILE A 129 3.04 -7.81 -12.38
C ILE A 129 1.82 -7.90 -13.30
N ALA A 130 1.29 -9.12 -13.45
CA ALA A 130 0.14 -9.31 -14.30
C ALA A 130 -1.09 -8.58 -13.77
N LEU A 131 -1.25 -8.48 -12.44
CA LEU A 131 -2.40 -7.78 -11.82
C LEU A 131 -2.37 -6.27 -12.08
N GLY A 132 -1.18 -5.68 -12.01
CA GLY A 132 -1.00 -4.26 -12.29
C GLY A 132 -1.27 -3.92 -13.74
N VAL A 133 -0.67 -4.70 -14.65
CA VAL A 133 -0.85 -4.46 -16.09
C VAL A 133 -2.32 -4.67 -16.47
N ASN A 134 -2.94 -5.73 -15.92
CA ASN A 134 -4.36 -6.04 -16.17
C ASN A 134 -5.25 -4.87 -15.75
N TYR A 135 -4.89 -4.26 -14.62
CA TYR A 135 -5.64 -3.10 -14.14
C TYR A 135 -5.54 -1.94 -15.15
N LEU A 136 -4.33 -1.67 -15.64
CA LEU A 136 -4.11 -0.63 -16.66
C LEU A 136 -5.03 -0.90 -17.88
N HIS A 137 -4.92 -2.10 -18.45
CA HIS A 137 -5.73 -2.54 -19.59
C HIS A 137 -7.23 -2.45 -19.35
N ASN A 138 -7.65 -2.43 -18.08
CA ASN A 138 -9.08 -2.34 -17.75
C ASN A 138 -9.62 -0.95 -17.47
N MET A 139 -8.74 0.07 -17.54
CA MET A 139 -9.17 1.45 -17.36
C MET A 139 -9.97 1.90 -18.60
N THR A 140 -10.69 3.01 -18.47
CA THR A 140 -11.45 3.57 -19.59
C THR A 140 -10.99 5.02 -19.82
N PRO A 141 -10.24 5.27 -20.90
CA PRO A 141 -9.85 4.26 -21.89
C PRO A 141 -8.64 3.39 -21.48
N PRO A 142 -8.49 2.19 -22.09
CA PRO A 142 -7.37 1.30 -21.75
C PRO A 142 -6.01 1.99 -21.84
N LEU A 143 -5.23 1.87 -20.77
CA LEU A 143 -3.89 2.40 -20.71
C LEU A 143 -2.91 1.26 -21.00
N LEU A 144 -2.02 1.48 -21.94
CA LEU A 144 -1.05 0.46 -22.31
C LEU A 144 0.31 0.90 -21.79
N HIS A 145 1.02 -0.04 -21.16
CA HIS A 145 2.31 0.24 -20.53
C HIS A 145 3.35 0.59 -21.61
N HIS A 146 3.55 -0.34 -22.54
CA HIS A 146 4.48 -0.21 -23.67
C HIS A 146 5.96 -0.11 -23.34
N ASP A 147 6.32 -0.22 -22.07
CA ASP A 147 7.73 -0.19 -21.68
C ASP A 147 8.05 -1.11 -20.48
N LEU A 148 7.38 -2.26 -20.41
CA LEU A 148 7.63 -3.22 -19.33
C LEU A 148 9.01 -3.83 -19.40
N LYS A 149 9.73 -3.69 -18.31
CA LYS A 149 11.06 -4.28 -18.16
C LYS A 149 11.31 -4.59 -16.68
N THR A 150 12.26 -5.47 -16.39
CA THR A 150 12.56 -5.79 -14.98
C THR A 150 13.06 -4.56 -14.18
N GLN A 151 13.64 -3.58 -14.89
CA GLN A 151 14.16 -2.34 -14.29
C GLN A 151 13.09 -1.44 -13.68
N ASN A 152 11.87 -1.49 -14.21
CA ASN A 152 10.76 -0.69 -13.65
C ASN A 152 9.66 -1.47 -12.92
N ILE A 153 9.98 -2.71 -12.52
CA ILE A 153 9.11 -3.51 -11.65
C ILE A 153 9.78 -3.30 -10.31
N LEU A 154 9.17 -2.43 -9.50
CA LEU A 154 9.77 -2.08 -8.21
C LEU A 154 9.28 -2.99 -7.09
N LEU A 155 10.12 -3.10 -6.05
CA LEU A 155 9.83 -3.97 -4.92
C LEU A 155 9.73 -3.18 -3.61
N ASP A 156 8.56 -3.24 -2.99
CA ASP A 156 8.34 -2.52 -1.74
C ASP A 156 8.96 -3.23 -0.54
N ASN A 157 8.65 -2.74 0.66
CA ASN A 157 9.17 -3.26 1.92
C ASN A 157 8.98 -4.77 2.15
N GLU A 158 7.87 -5.33 1.66
CA GLU A 158 7.63 -6.78 1.78
C GLU A 158 7.80 -7.56 0.49
N PHE A 159 8.50 -6.95 -0.47
CA PHE A 159 8.73 -7.55 -1.78
C PHE A 159 7.45 -7.75 -2.59
N HIS A 160 6.52 -6.81 -2.42
CA HIS A 160 5.33 -6.72 -3.24
C HIS A 160 5.68 -5.81 -4.41
N VAL A 161 5.08 -6.07 -5.57
CA VAL A 161 5.38 -5.35 -6.80
C VAL A 161 4.69 -3.99 -6.87
N LYS A 162 5.43 -2.99 -7.38
CA LYS A 162 4.84 -1.71 -7.75
C LYS A 162 5.33 -1.43 -9.16
N ILE A 163 4.39 -1.31 -10.10
CA ILE A 163 4.72 -0.98 -11.48
C ILE A 163 4.91 0.54 -11.60
N ALA A 164 6.02 0.94 -12.22
CA ALA A 164 6.36 2.35 -12.46
C ALA A 164 6.72 2.61 -13.92
N ASP A 165 6.96 3.89 -14.25
CA ASP A 165 7.49 4.35 -15.55
C ASP A 165 6.63 3.87 -16.74
N PHE A 166 5.37 4.29 -16.78
CA PHE A 166 4.48 3.72 -17.81
C PHE A 166 3.59 4.59 -18.69
N GLY A 167 3.54 4.19 -19.96
CA GLY A 167 2.72 4.75 -21.06
C GLY A 167 2.61 6.24 -21.29
N LEU A 168 3.65 6.97 -21.75
CA LEU A 168 5.05 6.53 -22.10
C LEU A 168 5.29 5.06 -22.45
N GLY A 189 16.11 2.46 -24.95
CA GLY A 189 16.75 1.69 -23.88
C GLY A 189 17.02 0.26 -24.27
N THR A 190 16.41 -0.67 -23.54
CA THR A 190 16.57 -2.12 -23.80
C THR A 190 15.42 -2.69 -24.64
N ILE A 191 15.79 -3.39 -25.71
CA ILE A 191 14.85 -3.97 -26.68
C ILE A 191 14.46 -5.42 -26.45
N ILE A 192 15.00 -6.06 -25.40
CA ILE A 192 14.72 -7.49 -25.14
C ILE A 192 13.24 -7.78 -24.78
N TYR A 193 12.49 -6.75 -24.39
CA TYR A 193 11.08 -6.90 -24.02
C TYR A 193 10.14 -6.35 -25.09
N MET A 194 10.72 -5.91 -26.20
CA MET A 194 9.97 -5.32 -27.30
C MET A 194 9.59 -6.41 -28.33
N PRO A 195 8.29 -6.51 -28.67
CA PRO A 195 7.83 -7.51 -29.67
C PRO A 195 8.39 -7.20 -31.09
N PRO A 196 8.57 -8.25 -31.92
CA PRO A 196 9.16 -8.05 -33.26
C PRO A 196 8.44 -7.02 -34.12
N GLU A 197 7.10 -7.00 -34.09
CA GLU A 197 6.29 -6.05 -34.86
C GLU A 197 6.53 -4.57 -34.51
N ASN A 198 7.15 -4.31 -33.35
CA ASN A 198 7.49 -2.95 -32.94
C ASN A 198 8.75 -2.35 -33.57
N TYR A 199 9.62 -3.18 -34.15
CA TYR A 199 10.87 -2.70 -34.76
C TYR A 199 10.65 -1.71 -35.90
N GLU A 200 9.78 -2.07 -36.85
CA GLU A 200 9.38 -1.17 -37.93
C GLU A 200 8.41 -0.10 -37.35
N PRO A 201 8.29 1.10 -37.99
CA PRO A 201 7.29 2.06 -37.48
C PRO A 201 5.85 1.51 -37.57
N GLY A 202 5.07 1.69 -36.50
CA GLY A 202 3.69 1.17 -36.43
C GLY A 202 2.60 2.20 -36.20
N GLN A 203 1.42 1.95 -36.76
CA GLN A 203 0.22 2.80 -36.62
C GLN A 203 -0.82 2.18 -35.69
N SER A 208 -2.12 -1.17 -30.52
CA SER A 208 -1.01 -2.07 -30.21
C SER A 208 -1.25 -2.74 -28.84
N ILE A 209 -2.35 -3.48 -28.76
CA ILE A 209 -2.85 -4.13 -27.53
C ILE A 209 -2.00 -5.33 -27.05
N LYS A 210 -1.26 -5.97 -27.96
CA LYS A 210 -0.50 -7.18 -27.61
C LYS A 210 1.00 -7.00 -27.28
N HIS A 211 1.43 -5.76 -27.09
CA HIS A 211 2.81 -5.44 -26.75
C HIS A 211 3.14 -5.97 -25.35
N ASP A 212 2.43 -5.44 -24.34
CA ASP A 212 2.69 -5.74 -22.92
C ASP A 212 2.88 -7.22 -22.56
N ILE A 213 2.02 -8.06 -23.11
CA ILE A 213 2.10 -9.51 -22.87
C ILE A 213 3.40 -10.14 -23.43
N TYR A 214 3.93 -9.55 -24.51
CA TYR A 214 5.20 -10.01 -25.08
C TYR A 214 6.27 -9.75 -24.03
N SER A 215 6.33 -8.50 -23.55
CA SER A 215 7.27 -8.06 -22.50
C SER A 215 7.12 -8.95 -21.29
N TYR A 216 5.87 -9.23 -20.91
CA TYR A 216 5.59 -10.09 -19.74
C TYR A 216 6.09 -11.54 -19.91
N ALA A 217 6.02 -12.07 -21.13
CA ALA A 217 6.52 -13.42 -21.42
C ALA A 217 8.04 -13.50 -21.23
N VAL A 218 8.74 -12.45 -21.68
CA VAL A 218 10.20 -12.34 -21.49
C VAL A 218 10.53 -12.23 -19.99
N ILE A 219 9.85 -11.31 -19.29
CA ILE A 219 10.02 -11.15 -17.83
C ILE A 219 9.81 -12.48 -17.11
N THR A 220 8.77 -13.22 -17.51
CA THR A 220 8.48 -14.53 -16.90
C THR A 220 9.66 -15.48 -17.09
N TRP A 221 10.22 -15.49 -18.29
CA TRP A 221 11.36 -16.33 -18.62
C TRP A 221 12.55 -15.95 -17.72
N GLU A 222 12.80 -14.65 -17.67
CA GLU A 222 13.89 -14.07 -16.88
C GLU A 222 13.73 -14.39 -15.39
N VAL A 223 12.52 -14.21 -14.85
CA VAL A 223 12.21 -14.52 -13.44
C VAL A 223 12.45 -15.99 -13.10
N LEU A 224 12.00 -16.87 -13.98
CA LEU A 224 12.13 -18.31 -13.75
C LEU A 224 13.53 -18.87 -13.97
N SER A 225 14.34 -18.23 -14.82
CA SER A 225 15.69 -18.70 -15.12
C SER A 225 16.83 -17.98 -14.40
N ARG A 226 16.59 -16.72 -14.00
CA ARG A 226 17.61 -15.80 -13.41
C ARG A 226 18.79 -15.57 -14.37
N LYS A 227 18.57 -15.92 -15.63
CA LYS A 227 19.54 -15.75 -16.69
C LYS A 227 19.17 -14.50 -17.46
N GLN A 228 20.18 -13.90 -18.10
CA GLN A 228 19.98 -12.74 -18.94
C GLN A 228 19.44 -13.25 -20.28
N PRO A 229 18.37 -12.65 -20.83
CA PRO A 229 17.87 -13.09 -22.13
C PRO A 229 18.90 -12.79 -23.22
N PHE A 230 19.22 -13.82 -24.02
CA PHE A 230 20.24 -13.76 -25.09
C PHE A 230 21.62 -13.43 -24.50
N GLU A 231 22.18 -14.37 -23.74
CA GLU A 231 23.50 -14.23 -23.09
C GLU A 231 24.65 -14.19 -24.09
N ASP A 232 24.53 -14.97 -25.15
CA ASP A 232 25.55 -15.12 -26.18
C ASP A 232 25.65 -13.93 -27.14
N VAL A 233 24.72 -12.98 -27.02
CA VAL A 233 24.64 -11.87 -27.98
C VAL A 233 25.21 -10.52 -27.50
N THR A 234 26.22 -10.06 -28.24
CA THR A 234 26.93 -8.80 -27.98
C THR A 234 26.10 -7.57 -28.38
N ASN A 235 25.80 -7.47 -29.68
CA ASN A 235 25.11 -6.34 -30.30
C ASN A 235 23.58 -6.47 -30.19
N PRO A 236 22.87 -5.41 -29.72
CA PRO A 236 21.40 -5.43 -29.65
C PRO A 236 20.70 -5.69 -30.99
N LEU A 237 21.37 -5.34 -32.10
CA LEU A 237 20.86 -5.56 -33.46
C LEU A 237 20.72 -7.05 -33.78
N GLN A 238 21.68 -7.85 -33.29
CA GLN A 238 21.61 -9.32 -33.45
C GLN A 238 20.41 -9.94 -32.72
N ILE A 239 20.02 -9.34 -31.60
CA ILE A 239 18.83 -9.75 -30.83
C ILE A 239 17.62 -9.42 -31.69
N MET A 240 17.52 -8.16 -32.11
CA MET A 240 16.45 -7.67 -32.96
C MET A 240 16.28 -8.50 -34.22
N TYR A 241 17.40 -8.91 -34.81
CA TYR A 241 17.35 -9.71 -36.03
C TYR A 241 16.82 -11.09 -35.70
N SER A 242 17.40 -11.73 -34.68
CA SER A 242 16.97 -13.05 -34.24
C SER A 242 15.46 -13.11 -33.90
N VAL A 243 14.97 -12.10 -33.18
CA VAL A 243 13.57 -11.99 -32.75
C VAL A 243 12.60 -11.82 -33.93
N SER A 244 13.04 -11.12 -34.97
CA SER A 244 12.24 -10.95 -36.18
C SER A 244 12.11 -12.27 -36.94
N GLN A 245 13.09 -13.15 -36.79
CA GLN A 245 13.11 -14.47 -37.41
C GLN A 245 12.43 -15.55 -36.53
N GLY A 246 11.71 -15.10 -35.49
CA GLY A 246 10.97 -15.99 -34.58
C GLY A 246 11.73 -16.63 -33.43
N HIS A 247 13.02 -16.33 -33.31
CA HIS A 247 13.82 -16.87 -32.21
C HIS A 247 13.54 -16.13 -30.89
N ARG A 248 13.62 -16.87 -29.79
CA ARG A 248 13.31 -16.36 -28.46
C ARG A 248 14.38 -16.82 -27.47
N PRO A 249 14.39 -16.26 -26.23
CA PRO A 249 15.31 -16.82 -25.23
C PRO A 249 15.13 -18.34 -25.16
N VAL A 250 16.23 -19.03 -24.91
CA VAL A 250 16.24 -20.48 -25.02
C VAL A 250 15.48 -21.19 -23.90
N ILE A 251 14.66 -22.17 -24.29
CA ILE A 251 13.94 -23.01 -23.34
C ILE A 251 14.45 -24.45 -23.45
N ASN A 252 15.26 -24.84 -22.47
CA ASN A 252 15.80 -26.19 -22.35
C ASN A 252 16.00 -26.51 -20.87
N GLU A 253 16.67 -27.63 -20.57
CA GLU A 253 16.90 -28.04 -19.18
C GLU A 253 17.89 -27.12 -18.44
N GLU A 254 18.81 -26.51 -19.19
CA GLU A 254 19.82 -25.62 -18.62
C GLU A 254 19.22 -24.27 -18.16
N SER A 255 18.38 -23.68 -19.00
CA SER A 255 17.75 -22.39 -18.71
C SER A 255 16.60 -22.54 -17.71
N LEU A 256 15.78 -23.56 -17.94
CA LEU A 256 14.64 -23.85 -17.06
C LEU A 256 14.72 -25.29 -16.56
N PRO A 257 15.37 -25.51 -15.39
CA PRO A 257 15.50 -26.86 -14.79
C PRO A 257 14.17 -27.59 -14.69
N TYR A 258 14.21 -28.92 -14.77
CA TYR A 258 12.98 -29.73 -14.70
C TYR A 258 12.30 -29.68 -13.34
N ASP A 259 13.03 -29.25 -12.31
CA ASP A 259 12.50 -29.16 -10.95
C ASP A 259 11.71 -27.87 -10.63
N ILE A 260 11.62 -26.96 -11.61
CA ILE A 260 10.83 -25.73 -11.46
C ILE A 260 9.36 -26.11 -11.27
N PRO A 261 8.73 -25.63 -10.18
CA PRO A 261 7.30 -25.92 -9.98
C PRO A 261 6.47 -25.44 -11.16
N HIS A 262 5.45 -26.21 -11.55
CA HIS A 262 4.51 -25.88 -12.63
C HIS A 262 5.17 -25.50 -13.95
N ARG A 263 6.35 -26.09 -14.19
CA ARG A 263 7.21 -25.84 -15.34
C ARG A 263 6.46 -25.83 -16.67
N ALA A 264 5.72 -26.92 -16.94
CA ALA A 264 4.99 -27.09 -18.20
C ALA A 264 4.01 -25.95 -18.44
N ARG A 265 3.24 -25.61 -17.41
CA ARG A 265 2.25 -24.55 -17.50
C ARG A 265 2.88 -23.19 -17.79
N MET A 266 3.96 -22.89 -17.06
CA MET A 266 4.71 -21.65 -17.21
C MET A 266 5.33 -21.54 -18.62
N ILE A 267 5.88 -22.66 -19.13
CA ILE A 267 6.44 -22.70 -20.49
C ILE A 267 5.37 -22.38 -21.54
N SER A 268 4.16 -22.95 -21.40
CA SER A 268 3.01 -22.65 -22.30
C SER A 268 2.65 -21.18 -22.26
N LEU A 269 2.65 -20.61 -21.05
CA LEU A 269 2.32 -19.19 -20.87
C LEU A 269 3.36 -18.32 -21.59
N ILE A 270 4.64 -18.62 -21.34
CA ILE A 270 5.76 -17.92 -21.97
C ILE A 270 5.67 -18.00 -23.50
N GLU A 271 5.58 -19.23 -24.04
CA GLU A 271 5.55 -19.44 -25.50
C GLU A 271 4.37 -18.82 -26.21
N SER A 272 3.20 -18.79 -25.56
CA SER A 272 2.04 -18.12 -26.13
C SER A 272 2.18 -16.60 -25.99
N GLY A 273 2.71 -16.16 -24.85
CA GLY A 273 2.94 -14.76 -24.55
C GLY A 273 3.86 -14.05 -25.54
N TRP A 274 4.94 -14.72 -25.96
CA TRP A 274 5.89 -14.14 -26.91
C TRP A 274 5.74 -14.62 -28.37
N ALA A 275 4.62 -15.27 -28.69
CA ALA A 275 4.34 -15.78 -30.05
C ALA A 275 4.52 -14.71 -31.11
N GLN A 276 5.07 -15.11 -32.27
CA GLN A 276 5.30 -14.19 -33.39
C GLN A 276 4.03 -13.44 -33.80
N ASN A 277 2.92 -14.18 -33.94
CA ASN A 277 1.63 -13.61 -34.30
C ASN A 277 1.01 -12.94 -33.05
N PRO A 278 0.79 -11.61 -33.08
CA PRO A 278 0.19 -10.93 -31.93
C PRO A 278 -1.18 -11.51 -31.52
N ASP A 279 -1.94 -11.93 -32.54
CA ASP A 279 -3.27 -12.54 -32.36
C ASP A 279 -3.25 -13.83 -31.52
N GLU A 280 -2.10 -14.51 -31.49
CA GLU A 280 -1.96 -15.76 -30.72
C GLU A 280 -1.49 -15.55 -29.27
N ARG A 281 -1.30 -14.30 -28.90
CA ARG A 281 -0.88 -13.95 -27.54
C ARG A 281 -2.12 -13.76 -26.66
N PRO A 282 -2.07 -14.26 -25.41
CA PRO A 282 -3.24 -14.12 -24.55
C PRO A 282 -3.44 -12.71 -23.99
N SER A 283 -4.67 -12.43 -23.58
CA SER A 283 -5.01 -11.21 -22.84
C SER A 283 -4.47 -11.42 -21.42
N PHE A 284 -4.35 -10.33 -20.64
CA PHE A 284 -3.93 -10.47 -19.23
C PHE A 284 -4.95 -11.22 -18.36
N LEU A 285 -6.22 -11.15 -18.76
CA LEU A 285 -7.27 -11.90 -18.11
C LEU A 285 -7.01 -13.41 -18.23
N LYS A 286 -6.77 -13.89 -19.45
CA LYS A 286 -6.46 -15.31 -19.67
C LYS A 286 -5.23 -15.71 -18.87
N CYS A 287 -4.21 -14.85 -18.94
CA CYS A 287 -2.96 -15.03 -18.21
C CYS A 287 -3.18 -15.17 -16.68
N LEU A 288 -4.02 -14.30 -16.10
CA LEU A 288 -4.36 -14.36 -14.70
C LEU A 288 -5.15 -15.62 -14.32
N ILE A 289 -6.10 -16.01 -15.16
CA ILE A 289 -6.87 -17.23 -14.99
C ILE A 289 -5.96 -18.46 -14.97
N GLU A 290 -4.90 -18.43 -15.77
CA GLU A 290 -3.87 -19.47 -15.79
C GLU A 290 -3.01 -19.43 -14.51
N LEU A 291 -2.67 -18.24 -14.01
CA LEU A 291 -1.83 -18.12 -12.81
C LEU A 291 -2.52 -18.43 -11.50
N GLU A 292 -3.80 -18.08 -11.38
CA GLU A 292 -4.58 -18.27 -10.15
C GLU A 292 -4.46 -19.66 -9.47
N PRO A 293 -4.61 -20.78 -10.22
CA PRO A 293 -4.47 -22.12 -9.61
C PRO A 293 -3.09 -22.39 -9.04
N VAL A 294 -2.07 -21.83 -9.71
CA VAL A 294 -0.68 -21.93 -9.27
C VAL A 294 -0.50 -21.23 -7.93
N LEU A 295 -0.94 -19.97 -7.83
CA LEU A 295 -0.81 -19.21 -6.59
C LEU A 295 -1.58 -19.77 -5.41
N ARG A 296 -2.71 -20.46 -5.65
CA ARG A 296 -3.46 -21.09 -4.56
C ARG A 296 -2.72 -22.27 -3.90
N THR A 297 -1.71 -22.84 -4.58
CA THR A 297 -0.92 -23.94 -4.01
C THR A 297 -0.01 -23.50 -2.86
N PHE A 298 0.37 -22.22 -2.83
CA PHE A 298 1.29 -21.68 -1.83
C PHE A 298 0.60 -21.09 -0.60
N GLU A 299 1.00 -21.58 0.58
CA GLU A 299 0.53 -21.08 1.87
C GLU A 299 1.10 -19.69 2.10
N GLU A 300 0.33 -18.85 2.80
CA GLU A 300 0.72 -17.46 3.05
C GLU A 300 2.07 -17.31 3.82
N ILE A 301 2.36 -18.29 4.67
CA ILE A 301 3.60 -18.34 5.48
C ILE A 301 4.83 -18.53 4.58
N THR A 302 4.67 -19.29 3.48
CA THR A 302 5.78 -19.51 2.55
C THR A 302 6.28 -18.25 1.86
N PHE A 303 5.38 -17.25 1.66
CA PHE A 303 5.82 -15.96 1.08
C PHE A 303 6.69 -15.22 2.09
N LEU A 304 6.24 -15.22 3.35
CA LEU A 304 6.96 -14.57 4.45
C LEU A 304 8.35 -15.19 4.67
N GLU A 305 8.41 -16.52 4.65
CA GLU A 305 9.67 -17.25 4.78
C GLU A 305 10.63 -17.01 3.62
N ALA A 306 10.09 -16.83 2.42
CA ALA A 306 10.91 -16.51 1.25
C ALA A 306 11.58 -15.13 1.43
N VAL A 307 10.84 -14.16 1.97
CA VAL A 307 11.30 -12.80 2.22
C VAL A 307 12.38 -12.74 3.32
N ILE A 308 12.12 -13.41 4.45
CA ILE A 308 13.07 -13.43 5.58
C ILE A 308 14.41 -14.06 5.19
N GLN A 309 14.37 -15.01 4.27
CA GLN A 309 15.55 -15.66 3.69
C GLN A 309 16.43 -14.65 2.92
N LEU A 310 15.81 -13.65 2.30
CA LEU A 310 16.55 -12.63 1.55
C LEU A 310 17.26 -11.63 2.44
N LYS A 311 16.76 -11.44 3.67
CA LYS A 311 17.37 -10.51 4.62
C LYS A 311 18.55 -11.19 5.29
N ALA B 6 -3.77 22.09 -10.68
CA ALA B 6 -3.98 20.81 -9.92
C ALA B 6 -4.54 19.71 -10.83
N ILE B 7 -4.05 18.49 -10.60
CA ILE B 7 -4.40 17.30 -11.39
C ILE B 7 -5.50 16.48 -10.68
N CYS B 8 -6.56 16.11 -11.40
CA CYS B 8 -7.68 15.34 -10.82
C CYS B 8 -7.82 13.86 -11.21
N SER B 9 -7.97 13.02 -10.19
CA SER B 9 -8.19 11.58 -10.36
C SER B 9 -9.61 11.28 -9.93
N ALA B 10 -10.35 10.60 -10.80
CA ALA B 10 -11.73 10.25 -10.51
C ALA B 10 -11.81 8.83 -9.94
N LEU B 11 -12.67 8.66 -8.94
CA LEU B 11 -12.89 7.37 -8.32
C LEU B 11 -13.73 6.50 -9.28
N PRO B 12 -13.26 5.27 -9.58
CA PRO B 12 -14.02 4.39 -10.47
C PRO B 12 -15.38 4.00 -9.91
N THR B 13 -16.35 3.84 -10.81
CA THR B 13 -17.66 3.35 -10.41
C THR B 13 -17.61 1.86 -10.72
N ILE B 14 -17.93 1.06 -9.72
CA ILE B 14 -17.85 -0.38 -9.87
C ILE B 14 -19.26 -0.93 -9.93
N PRO B 15 -19.61 -1.59 -11.04
CA PRO B 15 -20.91 -2.23 -11.10
C PRO B 15 -20.94 -3.35 -10.06
N TYR B 16 -22.06 -3.47 -9.34
CA TYR B 16 -22.23 -4.49 -8.31
C TYR B 16 -22.03 -5.91 -8.85
N HIS B 17 -22.52 -6.16 -10.06
CA HIS B 17 -22.40 -7.49 -10.70
C HIS B 17 -20.94 -7.90 -11.02
N LYS B 18 -20.01 -6.93 -11.01
CA LYS B 18 -18.57 -7.20 -11.17
C LYS B 18 -17.93 -7.84 -9.93
N LEU B 19 -18.66 -7.86 -8.81
CA LEU B 19 -18.22 -8.45 -7.56
C LEU B 19 -18.75 -9.86 -7.40
N ALA B 20 -17.85 -10.80 -7.25
CA ALA B 20 -18.18 -12.21 -7.12
C ALA B 20 -17.71 -12.72 -5.78
N ASP B 21 -18.11 -13.95 -5.43
N ASP B 21 -18.11 -13.95 -5.42
CA ASP B 21 -17.75 -14.63 -4.17
CA ASP B 21 -17.73 -14.64 -4.17
C ASP B 21 -17.96 -13.78 -2.91
C ASP B 21 -17.96 -13.78 -2.91
N LEU B 22 -19.08 -13.06 -2.89
CA LEU B 22 -19.43 -12.15 -1.78
C LEU B 22 -19.75 -12.90 -0.46
N ARG B 23 -18.92 -12.67 0.55
CA ARG B 23 -19.09 -13.28 1.88
C ARG B 23 -19.15 -12.21 2.97
N TYR B 24 -20.04 -12.43 3.93
CA TYR B 24 -20.22 -11.56 5.09
C TYR B 24 -19.00 -11.64 6.02
N LEU B 25 -18.55 -10.49 6.51
CA LEU B 25 -17.45 -10.43 7.47
C LEU B 25 -17.90 -9.92 8.86
N SER B 26 -18.59 -8.77 8.88
CA SER B 26 -19.12 -8.19 10.12
C SER B 26 -20.24 -7.15 9.85
N ARG B 27 -20.97 -6.83 10.91
CA ARG B 27 -22.01 -5.79 10.88
C ARG B 27 -21.58 -4.66 11.83
N GLY B 28 -21.34 -3.47 11.24
CA GLY B 28 -20.92 -2.29 12.01
C GLY B 28 -21.98 -1.20 12.04
N ALA B 29 -21.74 -0.17 12.87
CA ALA B 29 -22.65 0.96 13.01
C ALA B 29 -22.90 1.70 11.68
N SER B 30 -21.82 1.91 10.93
CA SER B 30 -21.87 2.61 9.63
C SER B 30 -22.30 1.74 8.43
N GLY B 31 -22.42 0.42 8.65
CA GLY B 31 -22.86 -0.51 7.59
C GLY B 31 -22.36 -1.94 7.69
N THR B 32 -22.74 -2.77 6.72
CA THR B 32 -22.32 -4.18 6.63
C THR B 32 -21.05 -4.29 5.77
N VAL B 33 -20.07 -5.09 6.24
CA VAL B 33 -18.79 -5.28 5.53
C VAL B 33 -18.68 -6.70 4.95
N SER B 34 -18.42 -6.78 3.65
CA SER B 34 -18.29 -8.07 2.99
C SER B 34 -16.98 -8.18 2.22
N SER B 35 -16.48 -9.41 2.08
CA SER B 35 -15.32 -9.68 1.22
C SER B 35 -15.85 -10.13 -0.13
N ALA B 36 -15.05 -9.94 -1.19
CA ALA B 36 -15.44 -10.29 -2.55
C ALA B 36 -14.21 -10.29 -3.44
N ARG B 37 -14.39 -10.76 -4.67
CA ARG B 37 -13.35 -10.67 -5.70
C ARG B 37 -13.94 -9.89 -6.88
N HIS B 38 -13.13 -9.01 -7.45
CA HIS B 38 -13.53 -8.23 -8.62
C HIS B 38 -13.29 -9.13 -9.85
N ALA B 39 -14.34 -9.37 -10.62
CA ALA B 39 -14.30 -10.26 -11.81
C ALA B 39 -13.30 -9.88 -12.89
N ASP B 40 -13.08 -8.58 -13.09
CA ASP B 40 -12.13 -8.08 -14.12
C ASP B 40 -10.73 -7.84 -13.59
N TRP B 41 -10.62 -7.28 -12.38
CA TRP B 41 -9.32 -6.91 -11.81
C TRP B 41 -8.60 -8.09 -11.18
N ARG B 42 -9.36 -9.12 -10.81
CA ARG B 42 -8.86 -10.38 -10.24
C ARG B 42 -8.14 -10.20 -8.89
N VAL B 43 -8.69 -9.31 -8.08
CA VAL B 43 -8.20 -9.09 -6.73
C VAL B 43 -9.33 -9.27 -5.71
N GLN B 44 -8.97 -9.68 -4.49
CA GLN B 44 -9.92 -9.66 -3.38
C GLN B 44 -10.20 -8.21 -3.00
N VAL B 45 -11.42 -7.93 -2.57
CA VAL B 45 -11.81 -6.57 -2.17
C VAL B 45 -12.72 -6.67 -0.96
N ALA B 46 -12.91 -5.55 -0.27
CA ALA B 46 -13.87 -5.44 0.80
C ALA B 46 -14.95 -4.47 0.33
N VAL B 47 -16.21 -4.79 0.65
CA VAL B 47 -17.37 -3.98 0.26
C VAL B 47 -18.18 -3.59 1.50
N LYS B 48 -18.44 -2.30 1.63
CA LYS B 48 -19.24 -1.76 2.74
C LYS B 48 -20.54 -1.18 2.18
N HIS B 49 -21.66 -1.73 2.63
CA HIS B 49 -23.02 -1.33 2.19
C HIS B 49 -23.99 -1.07 3.34
N LEU B 50 -25.19 -0.60 2.99
CA LEU B 50 -26.25 -0.29 3.95
C LEU B 50 -27.23 -1.45 4.13
N LEU B 57 -32.86 5.96 2.53
CA LEU B 57 -33.63 6.49 1.39
C LEU B 57 -32.77 7.49 0.60
N ASP B 58 -33.06 8.78 0.74
CA ASP B 58 -32.30 9.85 0.08
C ASP B 58 -31.36 10.58 1.07
N SER B 59 -31.47 10.22 2.35
CA SER B 59 -30.66 10.80 3.43
C SER B 59 -29.49 9.90 3.86
N GLU B 60 -29.74 8.59 3.94
CA GLU B 60 -28.70 7.60 4.30
C GLU B 60 -27.69 7.40 3.14
N ARG B 61 -28.04 7.97 1.97
CA ARG B 61 -27.25 7.92 0.74
C ARG B 61 -26.01 8.83 0.76
N LYS B 62 -26.17 10.02 1.33
CA LYS B 62 -25.10 11.03 1.38
C LYS B 62 -23.95 10.64 2.34
N ASP B 63 -24.22 9.76 3.31
CA ASP B 63 -23.19 9.26 4.25
C ASP B 63 -22.18 8.33 3.58
N VAL B 64 -22.68 7.47 2.70
CA VAL B 64 -21.86 6.56 1.90
C VAL B 64 -20.95 7.39 1.00
N LEU B 65 -21.56 8.31 0.24
CA LEU B 65 -20.84 9.19 -0.68
C LEU B 65 -19.79 10.07 0.00
N ARG B 66 -20.08 10.46 1.26
CA ARG B 66 -19.15 11.29 2.02
C ARG B 66 -17.91 10.49 2.40
N GLU B 67 -18.08 9.29 2.98
CA GLU B 67 -16.92 8.46 3.34
C GLU B 67 -16.07 8.11 2.13
N ALA B 68 -16.73 7.88 0.99
CA ALA B 68 -16.06 7.61 -0.29
C ALA B 68 -15.15 8.78 -0.66
N GLU B 69 -15.71 10.00 -0.64
CA GLU B 69 -14.97 11.21 -0.97
C GLU B 69 -13.78 11.44 -0.04
N ILE B 70 -13.99 11.22 1.26
CA ILE B 70 -12.94 11.41 2.25
C ILE B 70 -11.81 10.39 2.00
N LEU B 71 -12.15 9.11 1.87
CA LEU B 71 -11.15 8.07 1.61
C LEU B 71 -10.38 8.35 0.33
N HIS B 72 -11.09 8.85 -0.68
CA HIS B 72 -10.49 9.20 -1.96
C HIS B 72 -9.56 10.42 -1.88
N LYS B 73 -9.90 11.41 -1.05
CA LYS B 73 -9.07 12.61 -0.88
C LYS B 73 -7.91 12.42 0.10
N ALA B 74 -8.13 11.60 1.14
CA ALA B 74 -7.12 11.33 2.17
C ALA B 74 -6.09 10.21 1.86
N ARG B 75 -5.97 9.84 0.58
CA ARG B 75 -5.03 8.80 0.10
C ARG B 75 -3.61 8.98 0.59
N PHE B 76 -3.13 7.93 1.27
CA PHE B 76 -1.79 7.92 1.86
C PHE B 76 -1.48 6.51 2.34
N SER B 77 -0.19 6.20 2.45
CA SER B 77 0.36 4.89 2.87
C SER B 77 -0.30 4.23 4.10
N TYR B 78 -0.86 5.03 5.02
CA TYR B 78 -1.45 4.46 6.24
C TYR B 78 -2.96 4.69 6.39
N ILE B 79 -3.57 5.08 5.27
CA ILE B 79 -5.02 5.26 5.15
C ILE B 79 -5.55 4.16 4.22
N LEU B 80 -6.67 3.52 4.61
CA LEU B 80 -7.30 2.46 3.81
C LEU B 80 -7.53 2.92 2.35
N PRO B 81 -6.92 2.22 1.37
CA PRO B 81 -7.11 2.63 -0.01
C PRO B 81 -8.50 2.25 -0.52
N ILE B 82 -9.23 3.25 -1.03
CA ILE B 82 -10.52 3.02 -1.65
C ILE B 82 -10.28 2.69 -3.13
N LEU B 83 -11.02 1.71 -3.65
CA LEU B 83 -10.85 1.25 -5.03
C LEU B 83 -11.93 1.79 -5.96
N GLY B 84 -13.13 1.91 -5.42
CA GLY B 84 -14.25 2.44 -6.17
C GLY B 84 -15.50 2.51 -5.33
N ILE B 85 -16.58 2.91 -6.00
CA ILE B 85 -17.89 3.03 -5.37
C ILE B 85 -18.96 2.30 -6.20
N CYS B 86 -19.86 1.61 -5.49
CA CYS B 86 -21.03 0.99 -6.09
C CYS B 86 -22.18 1.97 -5.93
N ASN B 87 -22.67 2.49 -7.07
CA ASN B 87 -23.75 3.47 -7.07
C ASN B 87 -24.84 3.10 -8.09
N GLU B 88 -25.77 2.27 -7.61
CA GLU B 88 -26.86 1.76 -8.41
C GLU B 88 -28.18 1.93 -7.65
N PRO B 89 -29.33 1.95 -8.37
CA PRO B 89 -30.63 1.96 -7.68
C PRO B 89 -30.82 0.71 -6.81
N GLU B 90 -30.27 -0.41 -7.27
CA GLU B 90 -30.35 -1.70 -6.59
C GLU B 90 -29.40 -1.85 -5.39
N PHE B 91 -28.26 -1.16 -5.42
CA PHE B 91 -27.21 -1.29 -4.39
C PHE B 91 -26.26 -0.09 -4.31
N LEU B 92 -25.95 0.32 -3.07
CA LEU B 92 -25.01 1.41 -2.81
C LEU B 92 -24.01 0.98 -1.74
N GLY B 93 -22.74 1.33 -1.96
CA GLY B 93 -21.66 0.98 -1.04
C GLY B 93 -20.27 1.30 -1.57
N ILE B 94 -19.28 1.25 -0.69
CA ILE B 94 -17.88 1.52 -1.07
C ILE B 94 -17.05 0.24 -1.19
N VAL B 95 -16.05 0.30 -2.08
CA VAL B 95 -15.15 -0.82 -2.31
C VAL B 95 -13.73 -0.39 -1.95
N THR B 96 -13.12 -1.13 -1.04
CA THR B 96 -11.73 -0.85 -0.64
C THR B 96 -10.88 -2.10 -0.75
N GLU B 97 -9.55 -1.91 -0.59
CA GLU B 97 -8.61 -3.01 -0.48
C GLU B 97 -9.04 -3.89 0.70
N TYR B 98 -8.89 -5.19 0.53
CA TYR B 98 -9.27 -6.15 1.54
C TYR B 98 -8.16 -6.29 2.57
N MET B 99 -8.51 -6.11 3.85
CA MET B 99 -7.56 -6.24 4.95
C MET B 99 -7.70 -7.64 5.51
N PRO B 100 -6.70 -8.51 5.29
CA PRO B 100 -6.83 -9.91 5.72
C PRO B 100 -6.67 -10.12 7.22
N ASN B 101 -6.03 -9.19 7.91
CA ASN B 101 -5.74 -9.40 9.34
C ASN B 101 -6.61 -8.67 10.36
N GLY B 102 -7.78 -8.21 9.93
CA GLY B 102 -8.75 -7.56 10.80
C GLY B 102 -8.29 -6.26 11.43
N SER B 103 -8.84 -5.99 12.61
CA SER B 103 -8.60 -4.78 13.37
C SER B 103 -7.58 -4.98 14.47
N LEU B 104 -6.95 -3.87 14.87
CA LEU B 104 -6.00 -3.85 15.97
C LEU B 104 -6.62 -4.43 17.25
N ASN B 105 -7.89 -4.10 17.47
CA ASN B 105 -8.66 -4.57 18.61
C ASN B 105 -8.61 -6.10 18.75
N GLU B 106 -8.80 -6.80 17.63
CA GLU B 106 -8.79 -8.26 17.60
C GLU B 106 -7.37 -8.81 17.81
N LEU B 107 -6.35 -8.06 17.41
CA LEU B 107 -4.96 -8.47 17.60
C LEU B 107 -4.59 -8.37 19.08
N LEU B 108 -4.96 -7.26 19.72
CA LEU B 108 -4.67 -7.03 21.13
C LEU B 108 -5.43 -7.93 22.10
N HIS B 109 -6.69 -8.22 21.78
CA HIS B 109 -7.54 -8.94 22.75
C HIS B 109 -7.85 -10.41 22.48
N ARG B 110 -7.49 -10.92 21.30
CA ARG B 110 -7.60 -12.36 21.06
C ARG B 110 -6.29 -13.02 21.51
N LYS B 111 -6.17 -13.19 22.82
CA LYS B 111 -4.95 -13.71 23.45
C LYS B 111 -4.66 -15.19 23.21
N THR B 112 -5.70 -15.97 22.93
CA THR B 112 -5.51 -17.41 22.66
C THR B 112 -5.02 -17.55 21.22
N GLU B 113 -5.68 -16.85 20.31
CA GLU B 113 -5.33 -16.77 18.89
C GLU B 113 -3.96 -16.11 18.66
N TYR B 114 -3.63 -15.10 19.49
CA TYR B 114 -2.34 -14.42 19.42
C TYR B 114 -1.64 -14.36 20.79
N PRO B 115 -0.95 -15.45 21.20
CA PRO B 115 -0.24 -15.47 22.48
C PRO B 115 0.80 -14.37 22.60
N ASP B 116 1.53 -14.12 21.52
CA ASP B 116 2.58 -13.09 21.49
C ASP B 116 2.32 -12.05 20.42
N VAL B 117 2.70 -10.82 20.72
CA VAL B 117 2.65 -9.73 19.76
C VAL B 117 3.93 -9.01 20.12
N ALA B 118 5.01 -9.40 19.46
CA ALA B 118 6.33 -8.88 19.72
C ALA B 118 6.39 -7.37 19.76
N TRP B 119 7.17 -6.87 20.72
CA TRP B 119 7.36 -5.44 20.92
C TRP B 119 7.65 -4.64 19.63
N PRO B 120 8.58 -5.11 18.74
CA PRO B 120 8.82 -4.30 17.54
C PRO B 120 7.55 -4.06 16.70
N LEU B 121 6.71 -5.09 16.56
CA LEU B 121 5.45 -4.96 15.84
C LEU B 121 4.51 -3.94 16.49
N ARG B 122 4.36 -4.03 17.82
CA ARG B 122 3.53 -3.10 18.59
C ARG B 122 3.96 -1.68 18.34
N PHE B 123 5.27 -1.44 18.32
CA PHE B 123 5.80 -0.10 18.10
C PHE B 123 5.62 0.43 16.71
N ARG B 124 5.73 -0.47 15.72
CA ARG B 124 5.50 -0.09 14.34
C ARG B 124 4.02 0.25 14.14
N ILE B 125 3.12 -0.54 14.74
CA ILE B 125 1.68 -0.27 14.69
C ILE B 125 1.42 1.14 15.22
N LEU B 126 1.97 1.45 16.40
CA LEU B 126 1.84 2.79 17.00
C LEU B 126 2.43 3.88 16.14
N HIS B 127 3.61 3.63 15.58
CA HIS B 127 4.28 4.58 14.69
C HIS B 127 3.42 4.86 13.45
N GLU B 128 2.79 3.80 12.94
CA GLU B 128 1.97 3.93 11.72
C GLU B 128 0.65 4.65 11.94
N ILE B 129 -0.01 4.39 13.07
CA ILE B 129 -1.24 5.12 13.44
C ILE B 129 -0.93 6.63 13.47
N ALA B 130 0.16 6.97 14.16
CA ALA B 130 0.63 8.34 14.25
C ALA B 130 0.94 8.97 12.88
N LEU B 131 1.58 8.21 11.99
CA LEU B 131 1.88 8.71 10.64
C LEU B 131 0.59 8.99 9.86
N GLY B 132 -0.39 8.10 10.02
CA GLY B 132 -1.67 8.25 9.33
C GLY B 132 -2.44 9.48 9.81
N VAL B 133 -2.68 9.53 11.12
CA VAL B 133 -3.38 10.68 11.72
C VAL B 133 -2.64 11.98 11.40
N ASN B 134 -1.31 11.99 11.57
CA ASN B 134 -0.51 13.18 11.25
C ASN B 134 -0.80 13.67 9.84
N TYR B 135 -0.84 12.74 8.87
CA TYR B 135 -1.12 13.10 7.48
C TYR B 135 -2.45 13.83 7.34
N LEU B 136 -3.51 13.27 7.95
CA LEU B 136 -4.85 13.88 7.93
C LEU B 136 -4.79 15.32 8.48
N HIS B 137 -4.15 15.47 9.64
CA HIS B 137 -3.93 16.76 10.30
C HIS B 137 -3.15 17.77 9.44
N ASN B 138 -2.29 17.26 8.55
CA ASN B 138 -1.47 18.11 7.66
C ASN B 138 -2.07 18.48 6.30
N MET B 139 -3.28 17.99 6.00
CA MET B 139 -4.01 18.35 4.77
C MET B 139 -4.57 19.77 4.90
N THR B 140 -5.01 20.35 3.79
CA THR B 140 -5.61 21.68 3.81
C THR B 140 -7.03 21.65 3.23
N PRO B 141 -8.06 21.91 4.06
CA PRO B 141 -7.90 22.22 5.49
C PRO B 141 -7.70 20.94 6.32
N PRO B 142 -7.09 21.06 7.53
CA PRO B 142 -6.84 19.87 8.37
C PRO B 142 -8.05 18.97 8.55
N LEU B 143 -7.88 17.69 8.23
CA LEU B 143 -8.91 16.68 8.42
C LEU B 143 -8.70 16.05 9.79
N LEU B 144 -9.77 16.02 10.57
CA LEU B 144 -9.75 15.52 11.93
C LEU B 144 -10.55 14.24 11.98
N HIS B 145 -9.99 13.23 12.63
CA HIS B 145 -10.60 11.92 12.66
C HIS B 145 -11.82 11.88 13.57
N HIS B 146 -11.60 12.22 14.84
CA HIS B 146 -12.65 12.28 15.88
C HIS B 146 -13.34 10.98 16.27
N ASP B 147 -12.92 9.85 15.70
CA ASP B 147 -13.48 8.56 16.11
C ASP B 147 -12.42 7.43 16.12
N LEU B 148 -11.17 7.79 16.41
CA LEU B 148 -10.08 6.83 16.51
C LEU B 148 -10.31 5.85 17.65
N LYS B 149 -10.37 4.58 17.29
CA LYS B 149 -10.53 3.46 18.22
C LYS B 149 -9.72 2.30 17.66
N THR B 150 -9.49 1.26 18.46
CA THR B 150 -8.73 0.10 17.99
C THR B 150 -9.51 -0.70 16.93
N GLN B 151 -10.85 -0.62 16.99
CA GLN B 151 -11.77 -1.31 16.06
C GLN B 151 -11.65 -0.80 14.62
N ASN B 152 -11.24 0.45 14.43
CA ASN B 152 -11.07 0.97 13.06
C ASN B 152 -9.63 1.23 12.58
N ILE B 153 -8.66 0.65 13.30
CA ILE B 153 -7.26 0.57 12.88
C ILE B 153 -7.16 -0.83 12.24
N LEU B 154 -7.03 -0.87 10.92
CA LEU B 154 -7.00 -2.13 10.20
C LEU B 154 -5.59 -2.59 9.91
N LEU B 155 -5.44 -3.91 9.82
CA LEU B 155 -4.15 -4.54 9.62
C LEU B 155 -4.07 -5.29 8.28
N ASP B 156 -3.11 -4.92 7.44
CA ASP B 156 -2.99 -5.57 6.13
C ASP B 156 -2.26 -6.92 6.20
N ASN B 157 -2.07 -7.55 5.04
CA ASN B 157 -1.41 -8.86 4.95
C ASN B 157 -0.11 -9.04 5.72
N GLU B 158 0.67 -7.97 5.90
CA GLU B 158 1.91 -8.05 6.68
C GLU B 158 1.86 -7.16 7.92
N PHE B 159 0.64 -6.96 8.42
CA PHE B 159 0.38 -6.23 9.66
C PHE B 159 0.80 -4.76 9.70
N HIS B 160 0.74 -4.12 8.54
CA HIS B 160 0.90 -2.67 8.42
C HIS B 160 -0.49 -2.05 8.64
N VAL B 161 -0.48 -0.83 9.15
CA VAL B 161 -1.68 -0.11 9.55
C VAL B 161 -2.38 0.60 8.40
N LYS B 162 -3.70 0.48 8.38
CA LYS B 162 -4.56 1.22 7.46
C LYS B 162 -5.65 1.81 8.36
N ILE B 163 -5.76 3.13 8.40
CA ILE B 163 -6.81 3.78 9.18
C ILE B 163 -8.07 3.93 8.33
N ALA B 164 -9.20 3.49 8.88
CA ALA B 164 -10.50 3.58 8.21
C ALA B 164 -11.53 4.26 9.10
N ASP B 165 -12.76 4.34 8.56
CA ASP B 165 -13.93 4.87 9.26
C ASP B 165 -13.82 6.37 9.60
N PHE B 166 -14.19 7.19 8.63
CA PHE B 166 -14.22 8.64 8.76
C PHE B 166 -15.67 9.12 8.82
N GLY B 167 -16.54 8.27 9.36
CA GLY B 167 -17.98 8.54 9.52
C GLY B 167 -18.32 9.70 10.43
N LEU B 168 -17.46 9.96 11.42
CA LEU B 168 -17.65 11.07 12.37
C LEU B 168 -16.52 12.13 12.26
N SER B 169 -16.01 12.30 11.03
CA SER B 169 -14.91 13.23 10.77
C SER B 169 -15.39 14.60 10.29
N GLU B 187 -27.26 4.93 16.90
CA GLU B 187 -26.48 4.47 18.05
C GLU B 187 -24.98 4.37 17.73
N GLY B 188 -24.16 4.62 18.75
CA GLY B 188 -22.70 4.53 18.64
C GLY B 188 -22.14 3.35 19.43
N GLY B 189 -20.84 3.41 19.73
CA GLY B 189 -20.15 2.35 20.46
C GLY B 189 -19.42 2.78 21.71
N THR B 190 -18.13 2.45 21.76
CA THR B 190 -17.24 2.69 22.91
C THR B 190 -16.91 4.17 23.20
N ILE B 191 -16.82 4.49 24.49
CA ILE B 191 -16.58 5.87 24.96
C ILE B 191 -15.13 6.11 25.45
N ILE B 192 -14.42 5.00 25.72
CA ILE B 192 -13.05 4.98 26.28
C ILE B 192 -11.99 5.79 25.55
N TYR B 193 -12.22 6.12 24.28
CA TYR B 193 -11.25 6.86 23.46
C TYR B 193 -11.66 8.33 23.31
N MET B 194 -12.72 8.71 23.99
CA MET B 194 -13.22 10.09 23.89
C MET B 194 -12.73 10.93 25.06
N PRO B 195 -12.12 12.10 24.75
CA PRO B 195 -11.65 13.08 25.75
C PRO B 195 -12.86 13.65 26.53
N PRO B 196 -12.67 14.05 27.82
CA PRO B 196 -13.77 14.55 28.68
C PRO B 196 -14.56 15.74 28.14
N GLU B 197 -13.87 16.75 27.59
CA GLU B 197 -14.50 17.96 27.07
C GLU B 197 -15.43 17.74 25.86
N ASN B 198 -15.40 16.53 25.31
CA ASN B 198 -16.19 16.18 24.14
C ASN B 198 -17.48 15.44 24.53
N TYR B 199 -17.62 15.12 25.82
CA TYR B 199 -18.79 14.42 26.39
C TYR B 199 -20.12 15.14 26.12
N GLU B 200 -20.09 16.47 26.26
CA GLU B 200 -21.21 17.34 25.89
C GLU B 200 -20.69 18.16 24.72
N PRO B 201 -20.97 17.69 23.49
CA PRO B 201 -20.42 18.32 22.25
C PRO B 201 -20.96 19.71 21.94
N GLY B 202 -20.10 20.56 21.38
CA GLY B 202 -20.45 21.91 20.97
C GLY B 202 -19.75 22.34 19.69
N GLN B 203 -19.64 23.66 19.50
CA GLN B 203 -18.92 24.25 18.36
C GLN B 203 -17.40 24.13 18.62
N LYS B 204 -17.01 24.27 19.90
CA LYS B 204 -15.61 24.17 20.36
C LYS B 204 -15.09 22.73 20.33
N SER B 205 -15.96 21.76 20.68
CA SER B 205 -15.63 20.32 20.72
C SER B 205 -15.38 19.73 19.34
N ARG B 206 -16.23 20.09 18.38
CA ARG B 206 -16.13 19.61 16.99
C ARG B 206 -14.93 20.20 16.24
N ALA B 207 -14.46 21.37 16.68
CA ALA B 207 -13.31 22.06 16.06
C ALA B 207 -11.99 21.80 16.80
N SER B 208 -12.06 21.05 17.90
CA SER B 208 -10.90 20.72 18.75
C SER B 208 -9.83 19.91 18.01
N ILE B 209 -8.69 20.55 17.70
CA ILE B 209 -7.58 19.90 17.01
C ILE B 209 -6.82 18.94 17.96
N LYS B 210 -7.32 18.80 19.20
CA LYS B 210 -6.67 17.97 20.22
C LYS B 210 -7.47 16.74 20.67
N HIS B 211 -8.52 16.41 19.93
CA HIS B 211 -9.35 15.23 20.19
C HIS B 211 -8.56 13.94 19.96
N ASP B 212 -7.98 13.82 18.75
CA ASP B 212 -7.30 12.59 18.28
C ASP B 212 -6.14 12.09 19.14
N ILE B 213 -5.31 13.02 19.60
CA ILE B 213 -4.15 12.67 20.42
C ILE B 213 -4.55 12.00 21.75
N TYR B 214 -5.73 12.36 22.28
CA TYR B 214 -6.25 11.72 23.49
C TYR B 214 -6.55 10.26 23.14
N SER B 215 -7.21 10.05 22.00
CA SER B 215 -7.59 8.71 21.53
C SER B 215 -6.33 7.89 21.31
N TYR B 216 -5.34 8.51 20.65
CA TYR B 216 -4.04 7.89 20.42
C TYR B 216 -3.36 7.45 21.72
N ALA B 217 -3.41 8.31 22.73
CA ALA B 217 -2.85 7.98 24.05
C ALA B 217 -3.50 6.74 24.65
N VAL B 218 -4.82 6.65 24.60
CA VAL B 218 -5.54 5.48 25.14
C VAL B 218 -5.16 4.26 24.34
N ILE B 219 -5.10 4.42 23.00
CA ILE B 219 -4.69 3.36 22.07
C ILE B 219 -3.28 2.89 22.42
N THR B 220 -2.35 3.85 22.60
CA THR B 220 -0.96 3.56 23.00
C THR B 220 -0.92 2.71 24.27
N TRP B 221 -1.69 3.11 25.29
CA TRP B 221 -1.81 2.37 26.55
C TRP B 221 -2.30 0.96 26.29
N GLU B 222 -3.37 0.86 25.50
CA GLU B 222 -4.00 -0.42 25.19
C GLU B 222 -3.05 -1.36 24.43
N VAL B 223 -2.27 -0.79 23.51
CA VAL B 223 -1.29 -1.52 22.73
C VAL B 223 -0.18 -2.11 23.63
N LEU B 224 0.40 -1.25 24.47
CA LEU B 224 1.50 -1.66 25.35
C LEU B 224 1.16 -2.65 26.46
N SER B 225 -0.12 -2.68 26.84
CA SER B 225 -0.59 -3.51 27.95
C SER B 225 -1.46 -4.71 27.58
N ARG B 226 -2.04 -4.68 26.38
CA ARG B 226 -3.02 -5.70 25.93
C ARG B 226 -4.19 -5.85 26.93
N LYS B 227 -4.47 -4.78 27.67
CA LYS B 227 -5.56 -4.73 28.64
C LYS B 227 -6.67 -3.80 28.16
N GLN B 228 -7.90 -4.18 28.46
CA GLN B 228 -9.08 -3.40 28.17
C GLN B 228 -9.07 -2.19 29.11
N PRO B 229 -9.08 -0.93 28.58
CA PRO B 229 -9.07 0.23 29.47
C PRO B 229 -10.27 0.26 30.40
N PHE B 230 -10.03 0.59 31.67
CA PHE B 230 -11.05 0.60 32.75
C PHE B 230 -11.77 -0.75 32.84
N GLU B 231 -11.02 -1.82 33.09
CA GLU B 231 -11.61 -3.17 33.20
C GLU B 231 -12.40 -3.34 34.51
N ASP B 232 -11.90 -2.73 35.57
CA ASP B 232 -12.52 -2.74 36.91
C ASP B 232 -13.94 -2.19 36.84
N VAL B 233 -14.05 -1.01 36.23
CA VAL B 233 -15.31 -0.29 36.03
C VAL B 233 -16.09 -1.00 34.92
N THR B 234 -17.14 -1.75 35.30
CA THR B 234 -17.97 -2.47 34.31
C THR B 234 -19.20 -1.68 33.84
N ASN B 235 -19.37 -0.48 34.39
CA ASN B 235 -20.47 0.43 34.04
C ASN B 235 -19.96 1.62 33.19
N PRO B 236 -20.24 1.62 31.87
CA PRO B 236 -19.82 2.65 30.90
C PRO B 236 -20.01 4.11 31.34
N LEU B 237 -21.08 4.39 32.07
CA LEU B 237 -21.38 5.74 32.54
C LEU B 237 -20.40 6.16 33.66
N GLN B 238 -20.06 5.21 34.54
CA GLN B 238 -19.10 5.43 35.64
C GLN B 238 -17.70 5.81 35.12
N ILE B 239 -17.27 5.15 34.05
CA ILE B 239 -16.03 5.48 33.34
C ILE B 239 -16.06 6.98 33.02
N MET B 240 -17.18 7.42 32.44
CA MET B 240 -17.36 8.82 32.05
C MET B 240 -17.22 9.79 33.22
N TYR B 241 -17.67 9.40 34.41
CA TYR B 241 -17.51 10.26 35.59
C TYR B 241 -16.04 10.31 36.01
N SER B 242 -15.43 9.14 36.18
CA SER B 242 -14.00 8.99 36.53
C SER B 242 -13.12 9.86 35.62
N VAL B 243 -13.30 9.69 34.30
CA VAL B 243 -12.51 10.45 33.32
C VAL B 243 -12.66 11.98 33.51
N SER B 244 -13.87 12.42 33.87
CA SER B 244 -14.18 13.85 34.11
C SER B 244 -13.33 14.42 35.24
N GLN B 245 -13.22 13.64 36.31
CA GLN B 245 -12.45 13.97 37.51
C GLN B 245 -10.94 14.09 37.19
N GLY B 246 -10.45 13.22 36.32
CA GLY B 246 -9.04 13.23 35.91
C GLY B 246 -8.40 11.87 35.88
N HIS B 247 -9.16 10.85 36.33
CA HIS B 247 -8.76 9.45 36.32
C HIS B 247 -8.51 8.98 34.88
N ARG B 248 -7.55 8.07 34.72
CA ARG B 248 -7.20 7.49 33.42
C ARG B 248 -6.95 5.99 33.63
N PRO B 249 -6.64 5.23 32.54
CA PRO B 249 -6.31 3.82 32.79
C PRO B 249 -5.04 3.68 33.66
N VAL B 250 -5.04 2.64 34.49
CA VAL B 250 -4.00 2.39 35.50
C VAL B 250 -2.57 2.27 34.94
N ILE B 251 -1.72 3.22 35.31
CA ILE B 251 -0.29 3.18 34.94
C ILE B 251 0.55 2.75 36.14
N ASN B 252 0.74 1.44 36.24
CA ASN B 252 1.51 0.82 37.30
C ASN B 252 2.38 -0.30 36.71
N GLU B 253 2.98 -1.13 37.57
CA GLU B 253 3.77 -2.27 37.12
C GLU B 253 2.86 -3.38 36.55
N GLU B 254 1.68 -3.53 37.16
CA GLU B 254 0.72 -4.59 36.80
C GLU B 254 0.23 -4.52 35.34
N SER B 255 -0.10 -3.31 34.88
CA SER B 255 -0.60 -3.09 33.53
C SER B 255 0.55 -2.93 32.53
N LEU B 256 1.54 -2.13 32.93
CA LEU B 256 2.73 -1.87 32.12
C LEU B 256 4.02 -2.32 32.82
N PRO B 257 4.49 -3.57 32.55
CA PRO B 257 5.75 -4.08 33.13
C PRO B 257 6.99 -3.20 32.88
N TYR B 258 8.04 -3.39 33.69
CA TYR B 258 9.30 -2.66 33.55
C TYR B 258 10.12 -3.09 32.32
N ASP B 259 9.89 -4.34 31.88
CA ASP B 259 10.56 -4.93 30.70
C ASP B 259 10.20 -4.27 29.36
N ILE B 260 9.09 -3.52 29.33
CA ILE B 260 8.60 -2.83 28.13
C ILE B 260 9.67 -1.87 27.61
N PRO B 261 10.16 -2.10 26.37
CA PRO B 261 11.14 -1.23 25.74
C PRO B 261 10.73 0.24 25.84
N HIS B 262 11.68 1.08 26.23
CA HIS B 262 11.51 2.54 26.33
C HIS B 262 10.29 2.96 27.18
N ARG B 263 9.97 2.14 28.19
CA ARG B 263 8.80 2.34 29.08
C ARG B 263 8.57 3.77 29.54
N ALA B 264 9.61 4.40 30.07
CA ALA B 264 9.54 5.76 30.56
C ALA B 264 9.10 6.79 29.52
N ARG B 265 9.75 6.79 28.34
CA ARG B 265 9.44 7.74 27.28
C ARG B 265 8.03 7.54 26.68
N MET B 266 7.52 6.31 26.78
CA MET B 266 6.18 5.96 26.30
C MET B 266 5.11 6.47 27.27
N ILE B 267 5.36 6.29 28.57
CA ILE B 267 4.47 6.74 29.62
C ILE B 267 4.37 8.27 29.57
N SER B 268 5.51 8.91 29.30
CA SER B 268 5.55 10.36 29.11
C SER B 268 4.67 10.77 27.92
N LEU B 269 4.73 9.99 26.85
CA LEU B 269 3.94 10.23 25.64
C LEU B 269 2.44 10.05 25.93
N ILE B 270 2.09 8.94 26.57
CA ILE B 270 0.71 8.63 26.95
C ILE B 270 0.13 9.75 27.84
N GLU B 271 0.76 9.99 28.99
CA GLU B 271 0.27 10.97 29.96
C GLU B 271 0.12 12.39 29.40
N SER B 272 1.03 12.82 28.54
CA SER B 272 0.93 14.15 27.92
C SER B 272 -0.20 14.22 26.89
N GLY B 273 -0.42 13.10 26.19
CA GLY B 273 -1.45 12.98 25.17
C GLY B 273 -2.87 12.95 25.72
N TRP B 274 -3.06 12.27 26.86
CA TRP B 274 -4.37 12.20 27.50
C TRP B 274 -4.57 13.19 28.67
N ALA B 275 -3.77 14.26 28.67
CA ALA B 275 -3.84 15.31 29.70
C ALA B 275 -5.21 15.96 29.71
N GLN B 276 -5.74 16.18 30.92
CA GLN B 276 -7.05 16.82 31.14
C GLN B 276 -7.21 18.12 30.36
N ASN B 277 -6.16 18.94 30.35
CA ASN B 277 -6.18 20.20 29.62
C ASN B 277 -5.74 19.97 28.16
N PRO B 278 -6.64 20.22 27.18
CA PRO B 278 -6.37 20.09 25.74
C PRO B 278 -5.18 20.90 25.24
N ASP B 279 -4.91 22.03 25.89
CA ASP B 279 -3.79 22.92 25.55
C ASP B 279 -2.44 22.29 25.88
N GLU B 280 -2.43 21.34 26.82
CA GLU B 280 -1.21 20.63 27.25
C GLU B 280 -0.89 19.36 26.44
N ARG B 281 -1.78 19.02 25.52
CA ARG B 281 -1.63 17.84 24.66
C ARG B 281 -0.75 18.14 23.44
N PRO B 282 0.18 17.22 23.10
CA PRO B 282 1.08 17.47 21.95
C PRO B 282 0.44 17.23 20.57
N SER B 283 1.03 17.85 19.55
CA SER B 283 0.65 17.60 18.17
C SER B 283 1.22 16.23 17.77
N PHE B 284 0.65 15.61 16.73
CA PHE B 284 1.17 14.34 16.24
C PHE B 284 2.59 14.47 15.72
N LEU B 285 2.91 15.63 15.12
CA LEU B 285 4.28 15.91 14.62
C LEU B 285 5.34 15.76 15.71
N LYS B 286 5.01 16.21 16.93
CA LYS B 286 5.90 16.13 18.08
C LYS B 286 6.04 14.69 18.57
N CYS B 287 4.93 13.95 18.58
CA CYS B 287 4.92 12.53 18.99
C CYS B 287 5.76 11.68 18.05
N LEU B 288 5.66 11.96 16.76
CA LEU B 288 6.44 11.30 15.74
C LEU B 288 7.95 11.48 15.98
N ILE B 289 8.35 12.74 16.19
CA ILE B 289 9.77 13.11 16.45
C ILE B 289 10.34 12.37 17.67
N GLU B 290 9.48 12.09 18.65
CA GLU B 290 9.83 11.37 19.86
C GLU B 290 9.94 9.88 19.55
N LEU B 291 9.04 9.40 18.69
CA LEU B 291 8.96 8.00 18.29
C LEU B 291 10.08 7.53 17.34
N GLU B 292 10.47 8.40 16.40
CA GLU B 292 11.54 8.10 15.42
C GLU B 292 12.80 7.38 16.00
N PRO B 293 13.46 7.96 17.06
CA PRO B 293 14.60 7.24 17.65
C PRO B 293 14.23 5.90 18.31
N VAL B 294 13.01 5.79 18.84
CA VAL B 294 12.53 4.57 19.47
C VAL B 294 12.43 3.43 18.45
N LEU B 295 11.84 3.73 17.29
CA LEU B 295 11.69 2.75 16.21
C LEU B 295 13.00 2.31 15.59
N ARG B 296 13.99 3.22 15.56
CA ARG B 296 15.33 2.91 15.03
C ARG B 296 16.12 1.91 15.88
N THR B 297 15.75 1.72 17.15
CA THR B 297 16.44 0.74 18.01
C THR B 297 16.10 -0.71 17.65
N PHE B 298 15.01 -0.91 16.91
CA PHE B 298 14.57 -2.25 16.51
C PHE B 298 15.15 -2.58 15.14
N GLU B 299 15.83 -3.73 15.03
CA GLU B 299 16.37 -4.15 13.74
C GLU B 299 15.25 -4.59 12.82
N GLU B 300 15.44 -4.33 11.52
CA GLU B 300 14.45 -4.62 10.49
C GLU B 300 13.94 -6.05 10.59
N ILE B 301 14.88 -6.98 10.80
CA ILE B 301 14.60 -8.42 10.89
C ILE B 301 13.51 -8.77 11.90
N THR B 302 13.47 -8.05 13.03
CA THR B 302 12.51 -8.32 14.10
C THR B 302 11.05 -8.12 13.67
N PHE B 303 10.78 -7.11 12.82
CA PHE B 303 9.42 -6.88 12.31
C PHE B 303 8.92 -8.10 11.56
N LEU B 304 9.79 -8.65 10.71
CA LEU B 304 9.49 -9.86 9.95
C LEU B 304 9.29 -11.06 10.86
N GLU B 305 10.17 -11.19 11.87
CA GLU B 305 10.05 -12.29 12.85
C GLU B 305 8.72 -12.25 13.61
N ALA B 306 8.28 -11.04 13.97
CA ALA B 306 7.03 -10.80 14.67
C ALA B 306 5.80 -11.26 13.87
N VAL B 307 5.81 -10.94 12.57
CA VAL B 307 4.72 -11.30 11.67
C VAL B 307 4.65 -12.83 11.48
N ILE B 308 5.82 -13.45 11.33
CA ILE B 308 5.89 -14.93 11.19
C ILE B 308 5.33 -15.61 12.46
N GLN B 309 5.65 -15.06 13.62
CA GLN B 309 5.18 -15.55 14.91
C GLN B 309 3.64 -15.53 15.04
N LEU B 310 3.00 -14.53 14.42
CA LEU B 310 1.54 -14.40 14.42
C LEU B 310 0.85 -15.28 13.41
N LYS B 311 1.60 -15.74 12.41
CA LYS B 311 1.03 -16.46 11.27
C LYS B 311 0.99 -17.97 11.49
C1 M5W C . 9.89 9.25 -7.71
O2 M5W C . 9.37 8.60 -8.86
C3 M5W C . 9.86 7.36 -9.25
C4 M5W C . 9.40 6.89 -10.45
C5 M5W C . 9.82 5.66 -10.93
C6 M5W C . 10.73 4.91 -10.21
C7 M5W C . 11.20 5.37 -9.00
C8 M5W C . 10.77 6.60 -8.53
C9 M5W C . 12.18 4.58 -8.23
N10 M5W C . 13.26 4.09 -8.84
N11 M5W C . 13.98 3.41 -7.85
C12 M5W C . 13.35 3.49 -6.65
N13 M5W C . 13.82 2.92 -5.51
C14 M5W C . 12.19 4.23 -6.85
C15 M5W C . 11.25 4.50 -5.74
N16 M5W C . 10.02 4.94 -6.00
O17 M5W C . 11.61 4.31 -4.58
C18 M5W C . 15.27 2.74 -8.29
C19 M5W C . 15.31 1.28 -7.90
C20 M5W C . 16.45 3.41 -7.62
C21 M5W C . 15.42 2.77 -9.81
CA CA D . 0.51 -19.21 15.75
C1 M5W E . -15.20 -1.62 2.41
O2 M5W E . -14.93 -0.51 3.26
C3 M5W E . -14.43 -0.69 4.54
C4 M5W E . -14.38 0.46 5.31
C5 M5W E . -13.91 0.39 6.60
C6 M5W E . -13.50 -0.82 7.12
C7 M5W E . -13.54 -1.97 6.36
C8 M5W E . -14.02 -1.89 5.07
C9 M5W E . -13.11 -3.30 6.89
N10 M5W E . -13.58 -3.72 8.07
N11 M5W E . -13.06 -5.00 8.26
C12 M5W E . -12.28 -5.37 7.20
N13 M5W E . -11.65 -6.56 7.11
C14 M5W E . -12.28 -4.31 6.31
C15 M5W E . -11.51 -4.39 5.06
N16 M5W E . -11.21 -3.27 4.43
O17 M5W E . -11.10 -5.48 4.66
C18 M5W E . -13.43 -5.72 9.54
C19 M5W E . -12.16 -6.02 10.32
C20 M5W E . -14.16 -7.01 9.25
C21 M5W E . -14.30 -4.83 10.42
#